data_9J5P
#
_entry.id   9J5P
#
_cell.length_a   136.833
_cell.length_b   136.833
_cell.length_c   184.113
_cell.angle_alpha   90.00
_cell.angle_beta   90.00
_cell.angle_gamma   120.00
#
_symmetry.space_group_name_H-M   'P 65 2 2'
#
loop_
_entity.id
_entity.type
_entity.pdbx_description
1 polymer 'tRNA Leu (89-MER)'
2 polymer "Putative tRNA (cytidine(34)-2'-O)-methyltransferase"
3 non-polymer SINEFUNGIN
#
loop_
_entity_poly.entity_id
_entity_poly.type
_entity_poly.pdbx_seq_one_letter_code
_entity_poly.pdbx_strand_id
1 'polyribonucleotide'
;GCCGGGGUGGUGGAAUUGGCAGACACACAGGACU(A1L3P)AA(MIA)AUCCUGCGGUAGGUGACUACCGUGCCGGUUCA
AGUCCGGCCCUCGGCACCA
;
A
2 'polypeptide(L)'
;MGSHHHHHHGSNIVALHVVLYQPEIPANTGNIARTCAATNTTLHLIRPLGFSTDDKMLKRAGLDYWEFVNVVYHDSLEEL
FEAYKKGKFFFITKFGQQPHTSFDYTDLDEDYFFVFGRETSGLPKDLIQNNMDRCLRLPMTEHVRSLNLSNTAAILVYEA
LRQQNYRDLK
;
B,C
#
loop_
_chem_comp.id
_chem_comp.type
_chem_comp.name
_chem_comp.formula
A RNA linking ADENOSINE-5'-MONOPHOSPHATE 'C10 H14 N5 O7 P'
A1L3P non-polymer 5-Carboxymethylaminomethyluridine 'C12 H18 N3 O11 P'
C RNA linking CYTIDINE-5'-MONOPHOSPHATE 'C9 H14 N3 O8 P'
G RNA linking GUANOSINE-5'-MONOPHOSPHATE 'C10 H14 N5 O8 P'
MIA RNA linking 2-METHYLTHIO-N6-ISOPENTENYL-ADENOSINE-5'-MONOPHOSPHATE 'C16 H24 N5 O7 P S'
SFG non-polymer SINEFUNGIN 'C15 H23 N7 O5'
U RNA linking URIDINE-5'-MONOPHOSPHATE 'C9 H13 N2 O9 P'
#
# COMPACT_ATOMS: atom_id res chain seq x y z
P A1L3P A 35 -16.24 10.67 3.54
O4 A1L3P A 35 -16.18 7.64 -4.05
O6 A1L3P A 35 -17.97 12.13 -2.36
C4' A1L3P A 35 -13.39 8.25 2.73
C5' A1L3P A 35 -13.91 9.67 2.81
C1 A1L3P A 35 -17.11 11.88 -1.47
C1' A1L3P A 35 -13.30 7.13 0.68
C2 A1L3P A 35 -14.83 6.32 -1.00
C2' A1L3P A 35 -12.06 8.00 0.79
C3 A1L3P A 35 -14.54 9.84 -3.30
C3' A1L3P A 35 -11.94 8.13 2.30
C4 A1L3P A 35 -15.45 7.53 -2.87
C5 A1L3P A 35 -14.63 8.57 -2.46
C6 A1L3P A 35 -13.91 8.42 -1.27
C7 A1L3P A 35 -16.02 10.86 -1.72
N1 A1L3P A 35 -14.05 7.30 -0.59
N2 A1L3P A 35 -15.74 10.65 -3.14
N3 A1L3P A 35 -15.52 6.44 -2.12
O1 A1L3P A 35 -17.14 12.48 -0.36
O2 A1L3P A 35 -14.92 5.15 -0.23
O2' A1L3P A 35 -10.94 7.42 0.14
O3' A1L3P A 35 -11.40 6.91 2.82
O4' A1L3P A 35 -14.15 7.52 1.74
O5' A1L3P A 35 -14.93 9.80 3.80
OP1 A1L3P A 35 -17.20 10.44 4.67
OP2 A1L3P A 35 -15.81 12.08 3.20
P MIA A 38 -10.45 14.26 13.69
OP1 MIA A 38 -9.37 13.69 14.60
OP2 MIA A 38 -11.90 13.83 13.88
O5' MIA A 38 -10.40 15.84 13.78
C5' MIA A 38 -9.16 16.52 13.67
C4' MIA A 38 -9.31 17.91 13.09
O4' MIA A 38 -8.01 18.56 13.10
C3' MIA A 38 -9.79 17.97 11.64
O3' MIA A 38 -10.43 19.23 11.42
C2' MIA A 38 -8.48 17.97 10.88
O2' MIA A 38 -8.55 18.45 9.56
C1' MIA A 38 -7.64 18.89 11.77
N9 MIA A 38 -6.19 18.74 11.64
C8 MIA A 38 -5.30 19.70 11.26
N7 MIA A 38 -4.05 19.26 11.26
C5 MIA A 38 -4.14 17.94 11.67
C6 MIA A 38 -3.19 16.93 11.86
N6 MIA A 38 -1.87 17.14 11.66
N1 MIA A 38 -3.61 15.72 12.28
C2 MIA A 38 -4.93 15.52 12.47
N3 MIA A 38 -5.90 16.41 12.33
C4 MIA A 38 -5.47 17.61 11.91
S10 MIA A 38 -5.40 13.90 13.01
C11 MIA A 38 -4.12 12.63 13.29
C12 MIA A 38 -0.88 16.09 11.73
C13 MIA A 38 -0.11 15.96 10.46
C14 MIA A 38 -0.23 15.02 9.55
C15 MIA A 38 -1.19 13.87 9.69
C16 MIA A 38 0.55 15.03 8.27
N VAL B 14 17.16 11.31 -9.47
CA VAL B 14 17.18 9.93 -9.95
C VAL B 14 16.30 9.03 -9.07
N ALA B 15 15.79 9.60 -7.99
CA ALA B 15 14.92 8.89 -7.06
C ALA B 15 13.46 9.01 -7.49
N LEU B 16 12.57 8.39 -6.72
CA LEU B 16 11.15 8.49 -6.96
C LEU B 16 10.58 9.72 -6.25
N HIS B 17 9.46 10.21 -6.77
CA HIS B 17 8.81 11.40 -6.21
C HIS B 17 7.32 11.14 -6.13
N VAL B 18 6.75 11.33 -4.93
CA VAL B 18 5.32 11.17 -4.69
C VAL B 18 4.76 12.56 -4.40
N VAL B 19 3.88 13.04 -5.27
CA VAL B 19 3.23 14.33 -5.10
C VAL B 19 1.75 14.10 -4.88
N LEU B 20 1.20 14.76 -3.86
CA LEU B 20 -0.19 14.59 -3.46
C LEU B 20 -0.93 15.89 -3.75
N TYR B 21 -1.94 15.82 -4.63
CA TYR B 21 -2.73 16.98 -4.99
C TYR B 21 -3.75 17.26 -3.89
N GLN B 22 -3.53 18.33 -3.13
CA GLN B 22 -4.44 18.81 -2.09
C GLN B 22 -4.95 17.70 -1.19
N PRO B 23 -4.08 16.99 -0.47
CA PRO B 23 -4.54 15.95 0.45
C PRO B 23 -5.38 16.53 1.56
N GLU B 24 -6.34 15.74 2.04
CA GLU B 24 -7.33 16.22 3.01
C GLU B 24 -7.30 15.42 4.30
N ILE B 25 -7.57 14.12 4.24
CA ILE B 25 -7.61 13.28 5.43
C ILE B 25 -6.20 13.13 5.99
N PRO B 26 -5.97 13.49 7.24
CA PRO B 26 -4.60 13.51 7.75
C PRO B 26 -3.92 12.15 7.76
N ALA B 27 -4.63 11.10 8.19
CA ALA B 27 -4.00 9.80 8.38
C ALA B 27 -3.40 9.27 7.09
N ASN B 28 -4.06 9.52 5.96
CA ASN B 28 -3.55 9.04 4.68
C ASN B 28 -2.17 9.61 4.37
N THR B 29 -2.02 10.92 4.57
CA THR B 29 -0.73 11.55 4.27
C THR B 29 0.36 11.12 5.25
N GLY B 30 -0.01 10.85 6.51
CA GLY B 30 0.97 10.34 7.46
C GLY B 30 1.51 8.98 7.06
N ASN B 31 0.62 8.09 6.63
CA ASN B 31 1.07 6.78 6.18
C ASN B 31 1.86 6.87 4.88
N ILE B 32 1.55 7.85 4.04
CA ILE B 32 2.33 8.05 2.82
C ILE B 32 3.73 8.54 3.15
N ALA B 33 3.84 9.41 4.17
CA ALA B 33 5.15 9.85 4.62
C ALA B 33 5.95 8.70 5.23
N ARG B 34 5.28 7.77 5.90
CA ARG B 34 5.95 6.57 6.40
C ARG B 34 6.60 5.79 5.27
N THR B 35 5.81 5.49 4.23
CA THR B 35 6.37 4.81 3.06
C THR B 35 7.46 5.65 2.42
N CYS B 36 7.27 6.98 2.36
CA CYS B 36 8.28 7.84 1.75
C CYS B 36 9.59 7.84 2.54
N ALA B 37 9.51 7.75 3.86
CA ALA B 37 10.72 7.65 4.66
C ALA B 37 11.35 6.27 4.57
N ALA B 38 10.53 5.22 4.45
CA ALA B 38 11.05 3.87 4.31
C ALA B 38 11.63 3.61 2.92
N THR B 39 11.42 4.52 1.98
CA THR B 39 11.94 4.35 0.62
C THR B 39 12.81 5.52 0.18
N ASN B 40 13.03 6.51 1.05
CA ASN B 40 13.73 7.75 0.70
C ASN B 40 13.17 8.37 -0.57
N THR B 41 11.85 8.42 -0.63
CA THR B 41 11.12 9.01 -1.75
C THR B 41 10.71 10.43 -1.37
N THR B 42 11.05 11.39 -2.22
CA THR B 42 10.72 12.77 -1.94
C THR B 42 9.22 13.01 -2.05
N LEU B 43 8.64 13.58 -0.99
CA LEU B 43 7.21 13.83 -0.91
C LEU B 43 6.93 15.27 -1.28
N HIS B 44 6.20 15.48 -2.38
CA HIS B 44 5.80 16.81 -2.81
C HIS B 44 4.34 17.03 -2.42
N LEU B 45 4.04 18.18 -1.81
CA LEU B 45 2.72 18.45 -1.26
C LEU B 45 2.15 19.68 -1.95
N ILE B 46 1.10 19.48 -2.75
CA ILE B 46 0.41 20.59 -3.42
C ILE B 46 -0.63 21.15 -2.45
N ARG B 47 -0.41 22.39 -2.02
CA ARG B 47 -1.39 23.11 -1.22
C ARG B 47 -2.53 23.57 -2.11
N PRO B 48 -3.71 23.88 -1.54
CA PRO B 48 -4.11 23.87 -0.12
C PRO B 48 -4.27 22.46 0.44
N LEU B 49 -3.66 22.18 1.58
CA LEU B 49 -3.86 20.93 2.28
C LEU B 49 -5.05 21.05 3.24
N GLY B 50 -5.73 19.93 3.47
CA GLY B 50 -6.82 19.83 4.40
C GLY B 50 -6.43 19.68 5.85
N PHE B 51 -5.14 19.69 6.15
CA PHE B 51 -4.64 19.53 7.51
C PHE B 51 -3.52 20.56 7.72
N SER B 52 -2.81 20.42 8.84
CA SER B 52 -1.70 21.30 9.17
C SER B 52 -0.44 20.46 9.36
N THR B 53 0.65 20.88 8.73
CA THR B 53 1.96 20.24 8.89
C THR B 53 2.85 20.99 9.87
N ASP B 54 2.25 21.72 10.81
CA ASP B 54 3.02 22.37 11.86
C ASP B 54 3.66 21.32 12.76
N ASP B 55 4.88 21.60 13.20
CA ASP B 55 5.63 20.61 13.98
C ASP B 55 4.89 20.21 15.25
N LYS B 56 4.11 21.13 15.83
CA LYS B 56 3.27 20.77 16.96
C LYS B 56 2.29 19.68 16.59
N MET B 57 1.51 19.91 15.53
CA MET B 57 0.53 18.93 15.10
C MET B 57 1.19 17.69 14.52
N LEU B 58 2.37 17.84 13.92
CA LEU B 58 3.13 16.68 13.47
C LEU B 58 3.48 15.77 14.65
N LYS B 59 3.83 16.37 15.80
CA LYS B 59 4.15 15.59 16.97
C LYS B 59 2.91 15.18 17.76
N ARG B 60 1.78 15.86 17.55
CA ARG B 60 0.55 15.38 18.16
C ARG B 60 0.07 14.08 17.51
N ALA B 61 0.38 13.89 16.23
CA ALA B 61 0.08 12.63 15.55
C ALA B 61 1.21 11.63 15.66
N GLY B 62 2.29 11.98 16.36
CA GLY B 62 3.41 11.08 16.53
C GLY B 62 4.21 10.84 15.27
N LEU B 63 4.29 11.84 14.38
CA LEU B 63 5.06 11.72 13.14
C LEU B 63 6.49 12.15 13.44
N ASP B 64 7.31 11.19 13.86
CA ASP B 64 8.71 11.45 14.15
C ASP B 64 9.60 11.21 12.94
N TYR B 65 9.08 10.60 11.87
CA TYR B 65 9.86 10.35 10.68
C TYR B 65 9.82 11.50 9.69
N TRP B 66 9.07 12.57 10.00
CA TRP B 66 8.94 13.68 9.06
C TRP B 66 10.28 14.31 8.75
N GLU B 67 11.21 14.28 9.70
CA GLU B 67 12.55 14.85 9.48
C GLU B 67 13.26 14.15 8.33
N PHE B 68 12.99 12.86 8.13
CA PHE B 68 13.66 12.07 7.10
C PHE B 68 12.86 11.97 5.82
N VAL B 69 11.66 12.55 5.79
CA VAL B 69 10.79 12.39 4.63
C VAL B 69 11.26 13.25 3.47
N ASN B 70 11.86 14.41 3.75
CA ASN B 70 12.20 15.40 2.72
C ASN B 70 10.95 15.83 1.96
N VAL B 71 10.17 16.72 2.57
CA VAL B 71 8.92 17.20 1.99
C VAL B 71 9.20 18.51 1.24
N VAL B 72 8.67 18.62 0.03
CA VAL B 72 8.81 19.83 -0.78
C VAL B 72 7.40 20.37 -1.01
N TYR B 73 7.04 21.42 -0.28
CA TYR B 73 5.74 22.03 -0.45
C TYR B 73 5.69 22.85 -1.74
N HIS B 74 4.66 22.60 -2.54
CA HIS B 74 4.36 23.38 -3.72
C HIS B 74 2.98 23.99 -3.59
N ASP B 75 2.81 25.19 -4.12
CA ASP B 75 1.53 25.88 -3.97
C ASP B 75 0.60 25.66 -5.16
N SER B 76 1.14 25.22 -6.30
CA SER B 76 0.31 24.93 -7.47
C SER B 76 0.90 23.75 -8.22
N LEU B 77 0.04 23.01 -8.92
CA LEU B 77 0.52 21.91 -9.75
C LEU B 77 1.42 22.41 -10.87
N GLU B 78 1.13 23.60 -11.39
CA GLU B 78 1.97 24.16 -12.45
C GLU B 78 3.32 24.60 -11.92
N GLU B 79 3.37 25.10 -10.67
CA GLU B 79 4.65 25.39 -10.05
C GLU B 79 5.54 24.15 -10.04
N LEU B 80 4.96 23.01 -9.71
CA LEU B 80 5.73 21.78 -9.65
C LEU B 80 6.22 21.36 -11.03
N PHE B 81 5.36 21.51 -12.05
CA PHE B 81 5.74 21.16 -13.41
C PHE B 81 6.91 21.99 -13.89
N GLU B 82 6.91 23.29 -13.60
CA GLU B 82 7.94 24.20 -14.10
C GLU B 82 9.21 24.21 -13.26
N ALA B 83 9.20 23.62 -12.06
CA ALA B 83 10.42 23.41 -11.31
C ALA B 83 11.12 22.11 -11.68
N TYR B 84 10.35 21.08 -12.04
CA TYR B 84 10.89 19.79 -12.45
C TYR B 84 10.40 19.50 -13.87
N LYS B 85 10.87 20.30 -14.83
CA LYS B 85 10.34 20.23 -16.19
C LYS B 85 10.58 18.87 -16.82
N LYS B 86 11.78 18.33 -16.67
CA LYS B 86 12.15 17.05 -17.27
C LYS B 86 11.78 15.86 -16.38
N GLY B 87 10.84 16.03 -15.47
CA GLY B 87 10.35 14.90 -14.69
C GLY B 87 9.35 14.07 -15.48
N LYS B 88 9.42 12.77 -15.29
CA LYS B 88 8.47 11.84 -15.92
C LYS B 88 7.23 11.80 -15.05
N PHE B 89 6.20 12.54 -15.45
CA PHE B 89 5.01 12.73 -14.64
C PHE B 89 3.96 11.68 -15.01
N PHE B 90 3.70 10.77 -14.08
CA PHE B 90 2.66 9.76 -14.22
C PHE B 90 1.52 10.13 -13.29
N PHE B 91 0.35 10.41 -13.86
CA PHE B 91 -0.82 10.79 -13.09
C PHE B 91 -1.64 9.56 -12.78
N ILE B 92 -1.98 9.37 -11.51
CA ILE B 92 -2.58 8.11 -11.05
C ILE B 92 -4.01 8.40 -10.65
N THR B 93 -4.95 7.92 -11.47
CA THR B 93 -6.36 8.12 -11.23
C THR B 93 -7.12 6.88 -11.69
N LYS B 94 -8.33 6.72 -11.13
CA LYS B 94 -9.17 5.59 -11.52
C LYS B 94 -9.67 5.69 -12.95
N PHE B 95 -9.48 6.84 -13.60
CA PHE B 95 -9.97 7.05 -14.96
C PHE B 95 -8.95 6.64 -16.01
N GLY B 96 -7.76 6.23 -15.62
CA GLY B 96 -6.83 5.68 -16.58
C GLY B 96 -7.26 4.31 -17.10
N GLN B 97 -6.67 3.91 -18.21
CA GLN B 97 -6.98 2.63 -18.85
C GLN B 97 -5.82 1.64 -18.79
N GLN B 98 -4.63 2.10 -18.45
CA GLN B 98 -3.38 1.36 -18.35
C GLN B 98 -3.04 1.08 -16.90
N PRO B 99 -2.45 -0.08 -16.61
CA PRO B 99 -2.01 -0.38 -15.24
C PRO B 99 -0.78 0.46 -14.89
N HIS B 100 -0.36 0.33 -13.63
CA HIS B 100 0.87 0.96 -13.17
C HIS B 100 2.11 0.16 -13.47
N THR B 101 1.95 -1.08 -13.95
CA THR B 101 3.04 -1.98 -14.22
C THR B 101 3.38 -2.07 -15.71
N SER B 102 2.80 -1.20 -16.53
CA SER B 102 3.05 -1.18 -17.96
C SER B 102 4.09 -0.16 -18.37
N PHE B 103 4.70 0.52 -17.41
CA PHE B 103 5.66 1.58 -17.69
C PHE B 103 6.97 1.28 -16.99
N ASP B 104 8.04 1.91 -17.47
CA ASP B 104 9.41 1.59 -17.10
C ASP B 104 9.95 2.66 -16.17
N TYR B 105 10.21 2.27 -14.91
CA TYR B 105 10.80 3.15 -13.92
C TYR B 105 12.22 2.72 -13.56
N THR B 106 12.95 2.17 -14.52
CA THR B 106 14.28 1.64 -14.27
C THR B 106 15.39 2.66 -14.49
N ASP B 107 15.17 3.63 -15.38
CA ASP B 107 16.20 4.62 -15.70
C ASP B 107 16.64 5.38 -14.47
N LEU B 108 17.87 5.14 -14.01
CA LEU B 108 18.42 5.83 -12.86
C LEU B 108 19.07 7.15 -13.24
N ASP B 109 18.72 7.69 -14.42
CA ASP B 109 19.15 9.01 -14.84
C ASP B 109 17.98 9.99 -14.92
N GLU B 110 16.75 9.51 -14.79
CA GLU B 110 15.55 10.32 -14.87
C GLU B 110 14.89 10.41 -13.49
N ASP B 111 14.13 11.48 -13.29
CA ASP B 111 13.38 11.69 -12.05
C ASP B 111 11.92 11.36 -12.31
N TYR B 112 11.43 10.30 -11.69
CA TYR B 112 10.07 9.82 -11.90
C TYR B 112 9.12 10.42 -10.87
N PHE B 113 8.03 11.00 -11.34
CA PHE B 113 7.06 11.70 -10.50
C PHE B 113 5.71 11.01 -10.59
N PHE B 114 5.15 10.66 -9.43
CA PHE B 114 3.86 9.99 -9.33
C PHE B 114 2.86 10.94 -8.69
N VAL B 115 1.87 11.38 -9.48
CA VAL B 115 0.90 12.37 -9.03
C VAL B 115 -0.36 11.65 -8.56
N PHE B 116 -0.78 11.95 -7.34
CA PHE B 116 -2.00 11.38 -6.74
C PHE B 116 -3.00 12.50 -6.49
N GLY B 117 -4.26 12.11 -6.30
CA GLY B 117 -5.37 13.03 -6.33
C GLY B 117 -5.96 13.32 -4.96
N ARG B 118 -7.20 13.80 -4.98
CA ARG B 118 -7.92 14.23 -3.79
C ARG B 118 -8.87 13.15 -3.31
N GLU B 119 -8.90 12.95 -1.99
CA GLU B 119 -9.63 11.82 -1.42
C GLU B 119 -11.13 11.93 -1.60
N THR B 120 -11.66 13.15 -1.65
CA THR B 120 -13.09 13.34 -1.89
C THR B 120 -13.40 13.77 -3.31
N SER B 121 -12.42 14.29 -4.05
CA SER B 121 -12.66 14.78 -5.40
C SER B 121 -11.88 13.96 -6.42
N GLY B 122 -10.56 13.97 -6.37
CA GLY B 122 -9.73 13.34 -7.37
C GLY B 122 -8.87 14.37 -8.10
N LEU B 123 -8.10 13.86 -9.06
CA LEU B 123 -7.23 14.74 -9.84
C LEU B 123 -8.07 15.63 -10.76
N PRO B 124 -7.57 16.83 -11.10
CA PRO B 124 -8.27 17.70 -12.07
C PRO B 124 -8.64 16.98 -13.36
N LYS B 125 -9.94 16.98 -13.67
CA LYS B 125 -10.44 16.19 -14.78
C LYS B 125 -9.79 16.59 -16.10
N ASP B 126 -9.55 17.88 -16.30
CA ASP B 126 -8.96 18.35 -17.54
C ASP B 126 -7.49 17.98 -17.64
N LEU B 127 -6.80 17.88 -16.50
CA LEU B 127 -5.42 17.41 -16.51
C LEU B 127 -5.35 15.96 -16.95
N ILE B 128 -6.33 15.16 -16.55
CA ILE B 128 -6.38 13.77 -16.95
C ILE B 128 -6.59 13.65 -18.46
N GLN B 129 -7.48 14.48 -19.02
CA GLN B 129 -7.79 14.39 -20.44
C GLN B 129 -6.57 14.66 -21.30
N ASN B 130 -5.83 15.73 -21.00
CA ASN B 130 -4.65 16.05 -21.78
C ASN B 130 -3.60 14.96 -21.69
N ASN B 131 -3.36 14.45 -20.48
CA ASN B 131 -2.30 13.47 -20.30
C ASN B 131 -2.86 12.09 -19.97
N MET B 132 -3.75 11.57 -20.82
CA MET B 132 -4.25 10.21 -20.65
C MET B 132 -3.17 9.18 -20.94
N ASP B 133 -2.11 9.56 -21.66
CA ASP B 133 -1.03 8.62 -21.97
C ASP B 133 -0.38 8.10 -20.69
N ARG B 134 -0.20 8.96 -19.70
CA ARG B 134 0.43 8.61 -18.44
C ARG B 134 -0.57 8.61 -17.29
N CYS B 135 -1.78 8.09 -17.54
CA CYS B 135 -2.83 7.98 -16.53
C CYS B 135 -2.97 6.53 -16.13
N LEU B 136 -2.53 6.20 -14.92
CA LEU B 136 -2.47 4.82 -14.42
C LEU B 136 -3.66 4.54 -13.52
N ARG B 137 -4.33 3.42 -13.77
CA ARG B 137 -5.43 2.96 -12.93
C ARG B 137 -5.08 1.60 -12.34
N LEU B 138 -5.01 1.54 -11.02
CA LEU B 138 -4.84 0.25 -10.34
C LEU B 138 -6.12 -0.56 -10.53
N PRO B 139 -6.06 -1.72 -11.18
CA PRO B 139 -7.28 -2.49 -11.46
C PRO B 139 -8.02 -2.85 -10.18
N MET B 140 -9.26 -2.37 -10.08
CA MET B 140 -10.13 -2.64 -8.96
C MET B 140 -11.22 -3.63 -9.38
N THR B 141 -12.17 -3.86 -8.48
CA THR B 141 -13.33 -4.68 -8.83
C THR B 141 -14.36 -3.82 -9.56
N GLU B 142 -15.58 -3.76 -9.02
CA GLU B 142 -16.62 -2.94 -9.61
C GLU B 142 -17.43 -2.27 -8.50
N HIS B 143 -17.70 -3.01 -7.43
CA HIS B 143 -18.44 -2.51 -6.29
C HIS B 143 -17.62 -1.58 -5.41
N VAL B 144 -16.30 -1.50 -5.63
CA VAL B 144 -15.43 -0.58 -4.90
C VAL B 144 -15.15 0.62 -5.77
N ARG B 145 -15.51 1.80 -5.27
CA ARG B 145 -15.35 3.03 -6.05
C ARG B 145 -13.89 3.45 -6.13
N SER B 146 -13.18 3.40 -5.02
CA SER B 146 -11.81 3.89 -4.97
C SER B 146 -11.03 3.13 -3.91
N LEU B 147 -9.71 3.26 -4.00
CA LEU B 147 -8.79 2.72 -3.00
C LEU B 147 -8.36 3.82 -2.04
N ASN B 148 -7.60 3.41 -1.01
CA ASN B 148 -7.01 4.38 -0.11
C ASN B 148 -5.84 5.10 -0.79
N LEU B 149 -5.75 6.42 -0.55
CA LEU B 149 -4.62 7.18 -1.05
C LEU B 149 -3.31 6.60 -0.54
N SER B 150 -3.27 6.17 0.72
CA SER B 150 -2.08 5.56 1.28
C SER B 150 -1.69 4.32 0.48
N ASN B 151 -2.64 3.39 0.32
CA ASN B 151 -2.35 2.14 -0.36
C ASN B 151 -1.90 2.38 -1.80
N THR B 152 -2.62 3.24 -2.52
CA THR B 152 -2.30 3.51 -3.92
C THR B 152 -0.89 4.06 -4.06
N ALA B 153 -0.48 4.95 -3.14
CA ALA B 153 0.87 5.50 -3.21
C ALA B 153 1.92 4.43 -2.97
N ALA B 154 1.72 3.61 -1.93
CA ALA B 154 2.73 2.62 -1.56
C ALA B 154 2.90 1.57 -2.67
N ILE B 155 1.78 1.11 -3.25
CA ILE B 155 1.84 0.15 -4.36
C ILE B 155 2.74 0.67 -5.46
N LEU B 156 2.56 1.94 -5.83
CA LEU B 156 3.33 2.50 -6.94
C LEU B 156 4.80 2.66 -6.59
N VAL B 157 5.09 3.07 -5.35
CA VAL B 157 6.48 3.26 -4.95
C VAL B 157 7.25 1.95 -5.05
N TYR B 158 6.64 0.84 -4.61
CA TYR B 158 7.35 -0.42 -4.56
C TYR B 158 7.36 -1.16 -5.89
N GLU B 159 6.43 -0.84 -6.80
CA GLU B 159 6.53 -1.39 -8.14
C GLU B 159 7.72 -0.78 -8.88
N ALA B 160 7.93 0.54 -8.73
CA ALA B 160 9.12 1.18 -9.28
C ALA B 160 10.38 0.66 -8.62
N LEU B 161 10.33 0.37 -7.32
CA LEU B 161 11.49 -0.18 -6.63
C LEU B 161 11.72 -1.64 -7.00
N ARG B 162 10.66 -2.37 -7.35
CA ARG B 162 10.85 -3.70 -7.91
C ARG B 162 11.65 -3.61 -9.21
N GLN B 163 11.28 -2.67 -10.08
CA GLN B 163 12.01 -2.46 -11.32
C GLN B 163 13.41 -1.91 -11.06
N GLN B 164 13.59 -1.14 -9.99
CA GLN B 164 14.89 -0.61 -9.61
C GLN B 164 15.64 -1.51 -8.65
N ASN B 165 15.15 -2.74 -8.44
CA ASN B 165 15.84 -3.76 -7.66
C ASN B 165 16.20 -3.27 -6.27
N TYR B 166 15.32 -2.45 -5.69
CA TYR B 166 15.45 -1.96 -4.31
C TYR B 166 16.85 -1.38 -4.07
N ARG B 167 17.14 -0.34 -4.84
CA ARG B 167 18.43 0.34 -4.77
C ARG B 167 18.73 0.79 -3.35
N ASP B 168 19.88 0.34 -2.83
CA ASP B 168 20.37 0.75 -1.51
C ASP B 168 19.32 0.57 -0.42
N LEU B 169 18.40 -0.37 -0.61
CA LEU B 169 17.36 -0.69 0.35
C LEU B 169 17.68 -2.02 1.00
N LYS B 170 17.76 -2.03 2.33
CA LYS B 170 18.03 -3.26 3.07
C LYS B 170 16.75 -4.05 3.31
N ALA C 15 -9.57 -16.41 -4.67
CA ALA C 15 -8.35 -17.13 -5.04
C ALA C 15 -7.18 -16.63 -4.21
N LEU C 16 -7.24 -15.37 -3.81
CA LEU C 16 -6.21 -14.74 -2.99
C LEU C 16 -6.72 -14.57 -1.56
N HIS C 17 -5.79 -14.60 -0.61
CA HIS C 17 -6.13 -14.59 0.81
C HIS C 17 -5.18 -13.67 1.57
N VAL C 18 -5.72 -13.01 2.60
CA VAL C 18 -4.95 -12.19 3.52
C VAL C 18 -5.26 -12.63 4.93
N VAL C 19 -4.23 -13.01 5.67
CA VAL C 19 -4.36 -13.46 7.05
C VAL C 19 -3.79 -12.39 7.97
N LEU C 20 -4.55 -12.07 9.02
CA LEU C 20 -4.14 -11.09 10.01
C LEU C 20 -4.05 -11.77 11.37
N TYR C 21 -2.83 -11.94 11.88
CA TYR C 21 -2.60 -12.60 13.16
C TYR C 21 -2.83 -11.60 14.29
N GLN C 22 -3.97 -11.71 14.96
CA GLN C 22 -4.35 -10.88 16.10
C GLN C 22 -4.10 -9.39 15.84
N PRO C 23 -4.87 -8.77 14.96
CA PRO C 23 -4.63 -7.34 14.68
C PRO C 23 -4.97 -6.49 15.89
N GLU C 24 -4.28 -5.35 15.99
CA GLU C 24 -4.48 -4.44 17.10
C GLU C 24 -5.26 -3.19 16.71
N ILE C 25 -4.83 -2.52 15.65
CA ILE C 25 -5.42 -1.25 15.21
C ILE C 25 -6.67 -1.54 14.40
N PRO C 26 -7.85 -1.12 14.86
CA PRO C 26 -9.08 -1.39 14.08
C PRO C 26 -9.06 -0.75 12.70
N ALA C 27 -8.63 0.50 12.62
CA ALA C 27 -8.65 1.21 11.35
C ALA C 27 -7.72 0.56 10.33
N ASN C 28 -6.57 0.06 10.78
CA ASN C 28 -5.68 -0.67 9.88
C ASN C 28 -6.41 -1.83 9.22
N THR C 29 -7.13 -2.62 10.03
CA THR C 29 -7.84 -3.77 9.51
C THR C 29 -8.99 -3.35 8.60
N GLY C 30 -9.72 -2.30 8.98
CA GLY C 30 -10.82 -1.85 8.15
C GLY C 30 -10.38 -1.42 6.77
N ASN C 31 -9.25 -0.70 6.68
CA ASN C 31 -8.70 -0.34 5.37
C ASN C 31 -8.39 -1.59 4.55
N ILE C 32 -7.77 -2.58 5.20
CA ILE C 32 -7.42 -3.82 4.50
C ILE C 32 -8.67 -4.50 3.97
N ALA C 33 -9.77 -4.45 4.72
CA ALA C 33 -11.02 -5.02 4.25
C ALA C 33 -11.49 -4.35 2.96
N ARG C 34 -11.37 -3.03 2.89
CA ARG C 34 -11.72 -2.33 1.65
C ARG C 34 -10.80 -2.76 0.51
N THR C 35 -9.49 -2.84 0.78
CA THR C 35 -8.55 -3.33 -0.22
C THR C 35 -8.90 -4.74 -0.67
N CYS C 36 -9.39 -5.57 0.25
CA CYS C 36 -9.83 -6.91 -0.10
C CYS C 36 -11.03 -6.85 -1.05
N ALA C 37 -12.01 -6.01 -0.73
CA ALA C 37 -13.19 -5.90 -1.57
C ALA C 37 -12.85 -5.36 -2.95
N ALA C 38 -11.80 -4.54 -3.04
CA ALA C 38 -11.35 -4.04 -4.33
C ALA C 38 -10.59 -5.08 -5.15
N THR C 39 -10.23 -6.21 -4.53
CA THR C 39 -9.48 -7.25 -5.22
C THR C 39 -10.13 -8.62 -5.13
N ASN C 40 -11.28 -8.74 -4.46
CA ASN C 40 -11.95 -10.02 -4.23
C ASN C 40 -11.01 -11.00 -3.53
N THR C 41 -10.51 -10.57 -2.38
CA THR C 41 -9.57 -11.34 -1.56
C THR C 41 -10.26 -11.72 -0.26
N THR C 42 -9.99 -12.94 0.21
CA THR C 42 -10.52 -13.39 1.49
C THR C 42 -9.66 -12.88 2.64
N LEU C 43 -10.29 -12.30 3.65
CA LEU C 43 -9.60 -11.78 4.82
C LEU C 43 -9.73 -12.77 5.97
N HIS C 44 -8.60 -13.19 6.53
CA HIS C 44 -8.57 -14.12 7.65
C HIS C 44 -8.06 -13.41 8.89
N LEU C 45 -8.70 -13.68 10.03
CA LEU C 45 -8.43 -13.00 11.29
C LEU C 45 -8.22 -14.02 12.39
N ILE C 46 -7.08 -13.93 13.08
CA ILE C 46 -6.80 -14.81 14.20
C ILE C 46 -7.43 -14.18 15.46
N ARG C 47 -8.44 -14.85 16.01
CA ARG C 47 -9.40 -14.26 16.93
C ARG C 47 -8.92 -13.62 18.22
N PRO C 48 -7.69 -13.85 18.71
CA PRO C 48 -7.23 -13.01 19.83
C PRO C 48 -7.04 -11.55 19.41
N LEU C 49 -8.10 -10.93 18.90
CA LEU C 49 -8.00 -9.58 18.35
C LEU C 49 -7.83 -8.54 19.46
N GLY C 50 -7.23 -7.41 19.08
CA GLY C 50 -7.10 -6.26 19.94
C GLY C 50 -8.27 -5.30 19.90
N PHE C 51 -9.32 -5.61 19.15
CA PHE C 51 -10.49 -4.76 19.06
C PHE C 51 -11.74 -5.64 19.10
N SER C 52 -12.90 -4.99 19.08
CA SER C 52 -14.18 -5.67 18.98
C SER C 52 -14.65 -5.68 17.52
N THR C 53 -15.60 -6.57 17.24
CA THR C 53 -16.24 -6.59 15.93
C THR C 53 -17.13 -5.38 15.70
N ASP C 54 -17.44 -4.63 16.75
CA ASP C 54 -18.31 -3.46 16.66
C ASP C 54 -17.56 -2.16 16.92
N ASP C 55 -16.24 -2.17 16.81
CA ASP C 55 -15.48 -0.92 16.84
C ASP C 55 -15.85 -0.07 15.64
N LYS C 56 -16.29 1.17 15.90
CA LYS C 56 -16.75 2.02 14.82
C LYS C 56 -15.62 2.49 13.92
N MET C 57 -14.39 2.53 14.42
CA MET C 57 -13.26 2.83 13.55
C MET C 57 -13.01 1.71 12.57
N LEU C 58 -13.21 0.46 13.00
CA LEU C 58 -13.22 -0.67 12.09
C LEU C 58 -14.22 -0.44 10.96
N LYS C 59 -15.45 -0.07 11.31
CA LYS C 59 -16.48 0.14 10.30
C LYS C 59 -16.10 1.30 9.38
N ARG C 60 -15.62 2.40 9.95
CA ARG C 60 -15.30 3.58 9.14
C ARG C 60 -14.22 3.27 8.12
N ALA C 61 -13.12 2.64 8.57
CA ALA C 61 -12.01 2.37 7.66
C ALA C 61 -12.44 1.49 6.49
N GLY C 62 -13.40 0.59 6.71
CA GLY C 62 -13.99 -0.18 5.64
C GLY C 62 -15.10 0.53 4.90
N LEU C 63 -15.47 1.74 5.34
CA LEU C 63 -16.52 2.53 4.71
C LEU C 63 -17.80 1.71 4.53
N ASP C 64 -18.23 1.56 3.29
CA ASP C 64 -19.42 0.78 2.94
C ASP C 64 -19.08 -0.51 2.19
N TYR C 65 -17.80 -0.78 1.96
CA TYR C 65 -17.36 -1.93 1.18
C TYR C 65 -17.35 -3.23 1.99
N TRP C 66 -17.88 -3.22 3.22
CA TRP C 66 -17.82 -4.40 4.08
C TRP C 66 -18.61 -5.57 3.50
N GLU C 67 -19.73 -5.28 2.84
CA GLU C 67 -20.58 -6.34 2.30
C GLU C 67 -19.93 -7.11 1.16
N PHE C 68 -18.83 -6.61 0.59
CA PHE C 68 -18.14 -7.26 -0.49
C PHE C 68 -16.90 -8.02 -0.02
N VAL C 69 -16.65 -8.08 1.28
CA VAL C 69 -15.50 -8.76 1.84
C VAL C 69 -15.96 -10.09 2.43
N ASN C 70 -15.32 -11.18 2.02
CA ASN C 70 -15.51 -12.47 2.67
C ASN C 70 -14.48 -12.56 3.80
N VAL C 71 -14.93 -12.28 5.01
CA VAL C 71 -14.07 -12.27 6.19
C VAL C 71 -14.28 -13.57 6.95
N VAL C 72 -13.19 -14.29 7.21
CA VAL C 72 -13.22 -15.54 7.93
C VAL C 72 -12.47 -15.35 9.25
N TYR C 73 -13.07 -15.80 10.35
CA TYR C 73 -12.44 -15.77 11.65
C TYR C 73 -11.86 -17.14 11.97
N HIS C 74 -10.68 -17.15 12.60
CA HIS C 74 -10.03 -18.37 13.02
C HIS C 74 -9.56 -18.18 14.45
N ASP C 75 -9.96 -19.09 15.34
CA ASP C 75 -9.63 -18.95 16.75
C ASP C 75 -8.14 -19.17 17.02
N SER C 76 -7.36 -19.60 16.03
CA SER C 76 -5.93 -19.78 16.21
C SER C 76 -5.27 -19.87 14.84
N LEU C 77 -3.95 -19.67 14.84
CA LEU C 77 -3.19 -19.86 13.61
C LEU C 77 -3.26 -21.30 13.12
N GLU C 78 -3.35 -22.26 14.05
CA GLU C 78 -3.42 -23.66 13.68
C GLU C 78 -4.71 -23.96 12.92
N GLU C 79 -5.85 -23.55 13.49
CA GLU C 79 -7.16 -23.79 12.86
C GLU C 79 -7.17 -23.34 11.40
N LEU C 80 -6.52 -22.21 11.11
CA LEU C 80 -6.45 -21.73 9.73
C LEU C 80 -5.64 -22.69 8.86
N PHE C 81 -4.41 -23.01 9.29
CA PHE C 81 -3.52 -23.83 8.50
C PHE C 81 -4.18 -25.16 8.11
N GLU C 82 -4.78 -25.83 9.09
CA GLU C 82 -5.41 -27.13 8.82
C GLU C 82 -6.61 -26.99 7.91
N ALA C 83 -7.44 -25.96 8.14
CA ALA C 83 -8.64 -25.78 7.33
C ALA C 83 -8.28 -25.54 5.86
N TYR C 84 -7.21 -24.77 5.62
CA TYR C 84 -6.78 -24.50 4.26
C TYR C 84 -5.50 -25.29 3.97
N LYS C 85 -5.63 -26.61 4.01
CA LYS C 85 -4.47 -27.49 3.88
C LYS C 85 -3.76 -27.30 2.54
N LYS C 86 -4.49 -26.96 1.49
CA LYS C 86 -3.90 -26.70 0.17
C LYS C 86 -3.76 -25.20 0.02
N GLY C 87 -2.60 -24.67 0.42
CA GLY C 87 -2.39 -23.23 0.37
C GLY C 87 -0.92 -22.89 0.33
N LYS C 88 -0.61 -21.76 -0.30
CA LYS C 88 0.75 -21.23 -0.39
C LYS C 88 0.86 -20.11 0.63
N PHE C 89 1.21 -20.47 1.86
CA PHE C 89 1.23 -19.55 2.98
C PHE C 89 2.54 -18.78 2.99
N PHE C 90 2.46 -17.47 2.76
CA PHE C 90 3.62 -16.59 2.69
C PHE C 90 3.61 -15.69 3.92
N PHE C 91 4.71 -15.70 4.67
CA PHE C 91 4.78 -15.03 5.97
C PHE C 91 5.64 -13.78 5.84
N ILE C 92 5.15 -12.67 6.38
CA ILE C 92 5.66 -11.36 6.05
C ILE C 92 6.14 -10.71 7.33
N THR C 93 7.46 -10.70 7.52
CA THR C 93 8.09 -10.16 8.72
C THR C 93 9.36 -9.43 8.33
N LYS C 94 9.99 -8.80 9.32
CA LYS C 94 11.31 -8.22 9.10
C LYS C 94 12.37 -9.29 8.91
N PHE C 95 12.08 -10.53 9.27
CA PHE C 95 13.14 -11.53 9.42
C PHE C 95 13.52 -12.18 8.09
N GLY C 96 12.55 -12.38 7.19
CA GLY C 96 12.83 -13.02 5.91
C GLY C 96 13.95 -12.38 5.13
N GLN C 97 14.85 -13.17 4.57
CA GLN C 97 16.00 -12.65 3.85
C GLN C 97 15.72 -12.42 2.37
N GLN C 98 14.46 -12.54 1.93
CA GLN C 98 14.10 -12.41 0.53
C GLN C 98 12.94 -11.42 0.37
N PRO C 99 13.04 -10.46 -0.53
CA PRO C 99 11.92 -9.53 -0.74
C PRO C 99 10.70 -10.25 -1.29
N HIS C 100 9.56 -9.57 -1.18
CA HIS C 100 8.29 -10.16 -1.59
C HIS C 100 8.20 -10.38 -3.10
N THR C 101 8.94 -9.60 -3.89
CA THR C 101 8.89 -9.72 -5.33
C THR C 101 9.77 -10.83 -5.88
N SER C 102 10.56 -11.49 -5.03
CA SER C 102 11.44 -12.57 -5.46
C SER C 102 10.77 -13.93 -5.45
N PHE C 103 9.47 -13.99 -5.12
CA PHE C 103 8.72 -15.24 -5.12
C PHE C 103 7.76 -15.25 -6.31
N ASP C 104 7.04 -16.36 -6.43
CA ASP C 104 6.18 -16.61 -7.58
C ASP C 104 4.74 -16.81 -7.12
N TYR C 105 3.82 -16.09 -7.76
CA TYR C 105 2.39 -16.16 -7.46
C TYR C 105 1.57 -16.33 -8.74
N THR C 106 2.14 -17.00 -9.74
CA THR C 106 1.56 -17.00 -11.09
C THR C 106 0.64 -18.18 -11.36
N ASP C 107 0.54 -19.15 -10.46
CA ASP C 107 -0.36 -20.27 -10.68
C ASP C 107 -1.77 -19.87 -10.25
N LEU C 108 -2.66 -19.71 -11.23
CA LEU C 108 -4.04 -19.30 -10.95
C LEU C 108 -4.92 -20.45 -10.47
N ASP C 109 -4.44 -21.69 -10.57
CA ASP C 109 -5.13 -22.86 -10.04
C ASP C 109 -4.82 -23.10 -8.58
N GLU C 110 -4.52 -22.05 -7.81
CA GLU C 110 -4.04 -22.20 -6.45
C GLU C 110 -4.61 -21.10 -5.57
N ASP C 111 -4.45 -21.28 -4.25
CA ASP C 111 -4.89 -20.32 -3.25
C ASP C 111 -3.65 -19.81 -2.53
N TYR C 112 -3.39 -18.51 -2.65
CA TYR C 112 -2.18 -17.91 -2.09
C TYR C 112 -2.54 -17.16 -0.81
N PHE C 113 -1.80 -17.43 0.26
CA PHE C 113 -2.07 -16.90 1.59
C PHE C 113 -0.91 -16.01 2.01
N PHE C 114 -1.20 -14.74 2.26
CA PHE C 114 -0.25 -13.79 2.81
C PHE C 114 -0.63 -13.53 4.26
N VAL C 115 0.28 -13.85 5.17
CA VAL C 115 0.04 -13.78 6.60
C VAL C 115 0.84 -12.61 7.18
N PHE C 116 0.19 -11.79 7.98
CA PHE C 116 0.79 -10.58 8.53
C PHE C 116 0.81 -10.66 10.04
N GLY C 117 1.93 -10.24 10.64
CA GLY C 117 2.11 -10.32 12.06
C GLY C 117 1.36 -9.24 12.82
N ARG C 118 1.52 -9.27 14.14
CA ARG C 118 0.93 -8.25 14.98
C ARG C 118 1.67 -6.92 14.79
N GLU C 119 0.92 -5.83 14.87
CA GLU C 119 1.48 -4.51 14.54
C GLU C 119 2.64 -4.13 15.46
N THR C 120 2.71 -4.70 16.67
CA THR C 120 3.76 -4.36 17.62
C THR C 120 4.38 -5.62 18.22
N SER C 121 4.48 -6.68 17.45
CA SER C 121 5.00 -7.95 17.98
C SER C 121 5.80 -8.68 16.92
N GLY C 122 5.11 -9.12 15.87
CA GLY C 122 5.66 -9.98 14.84
C GLY C 122 4.76 -11.16 14.63
N LEU C 123 5.21 -12.07 13.79
CA LEU C 123 4.57 -13.37 13.75
C LEU C 123 5.20 -14.28 14.78
N PRO C 124 4.49 -15.35 15.21
CA PRO C 124 5.07 -16.25 16.21
C PRO C 124 6.47 -16.72 15.85
N LYS C 125 7.44 -16.44 16.73
CA LYS C 125 8.85 -16.68 16.41
C LYS C 125 9.13 -18.15 16.10
N ASP C 126 8.29 -19.07 16.57
CA ASP C 126 8.42 -20.47 16.18
C ASP C 126 8.08 -20.65 14.71
N LEU C 127 7.01 -20.01 14.23
CA LEU C 127 6.57 -20.18 12.85
C LEU C 127 7.58 -19.61 11.87
N ILE C 128 8.19 -18.46 12.21
CA ILE C 128 9.20 -17.85 11.35
C ILE C 128 10.39 -18.80 11.21
N GLN C 129 10.78 -19.45 12.30
CA GLN C 129 11.92 -20.36 12.27
C GLN C 129 11.73 -21.46 11.24
N ASN C 130 10.56 -22.10 11.24
CA ASN C 130 10.35 -23.32 10.47
C ASN C 130 10.20 -23.09 8.98
N ASN C 131 9.85 -21.87 8.55
CA ASN C 131 9.52 -21.63 7.16
C ASN C 131 10.16 -20.33 6.66
N MET C 132 11.46 -20.16 6.93
CA MET C 132 12.14 -18.94 6.48
C MET C 132 12.20 -18.82 4.97
N ASP C 133 12.01 -19.90 4.23
CA ASP C 133 11.97 -19.80 2.78
C ASP C 133 10.71 -19.10 2.29
N ARG C 134 9.67 -19.02 3.12
CA ARG C 134 8.42 -18.34 2.78
C ARG C 134 8.24 -17.06 3.59
N CYS C 135 9.35 -16.41 3.94
CA CYS C 135 9.35 -15.21 4.76
C CYS C 135 9.74 -14.02 3.89
N LEU C 136 8.80 -13.09 3.72
CA LEU C 136 8.96 -11.95 2.81
C LEU C 136 9.21 -10.70 3.64
N ARG C 137 10.35 -10.06 3.41
CA ARG C 137 10.67 -8.78 4.05
C ARG C 137 10.65 -7.69 3.00
N LEU C 138 9.84 -6.66 3.25
CA LEU C 138 9.72 -5.53 2.35
C LEU C 138 10.92 -4.61 2.53
N PRO C 139 11.79 -4.49 1.52
CA PRO C 139 13.02 -3.69 1.69
C PRO C 139 12.72 -2.24 2.05
N MET C 140 13.21 -1.82 3.20
CA MET C 140 13.00 -0.48 3.73
C MET C 140 14.34 0.24 3.86
N THR C 141 14.29 1.42 4.47
CA THR C 141 15.47 2.12 4.95
C THR C 141 15.57 1.91 6.46
N GLU C 142 16.31 2.77 7.15
CA GLU C 142 16.42 2.70 8.59
C GLU C 142 15.68 3.84 9.29
N HIS C 143 15.10 4.77 8.53
CA HIS C 143 14.44 5.92 9.14
C HIS C 143 13.20 5.50 9.94
N VAL C 144 12.54 4.42 9.52
CA VAL C 144 11.44 3.86 10.28
C VAL C 144 11.71 2.37 10.52
N ARG C 145 11.09 1.85 11.58
CA ARG C 145 11.27 0.45 11.93
C ARG C 145 10.35 -0.45 11.12
N SER C 146 9.19 0.05 10.71
CA SER C 146 8.18 -0.77 10.04
C SER C 146 7.44 0.09 9.03
N LEU C 147 6.38 -0.48 8.47
CA LEU C 147 5.57 0.16 7.45
C LEU C 147 4.13 -0.20 7.72
N ASN C 148 3.22 0.74 7.50
CA ASN C 148 1.82 0.55 7.90
C ASN C 148 1.26 -0.73 7.31
N LEU C 149 0.60 -1.51 8.18
CA LEU C 149 0.06 -2.80 7.78
C LEU C 149 -0.86 -2.69 6.57
N SER C 150 -1.79 -1.74 6.60
CA SER C 150 -2.73 -1.60 5.51
C SER C 150 -2.04 -1.27 4.20
N ASN C 151 -0.95 -0.50 4.25
CA ASN C 151 -0.13 -0.30 3.06
C ASN C 151 0.62 -1.58 2.70
N THR C 152 1.23 -2.23 3.69
CA THR C 152 2.02 -3.43 3.43
C THR C 152 1.16 -4.55 2.85
N ALA C 153 -0.09 -4.68 3.33
CA ALA C 153 -0.99 -5.66 2.75
C ALA C 153 -1.25 -5.39 1.28
N ALA C 154 -1.39 -4.10 0.92
CA ALA C 154 -1.78 -3.77 -0.45
C ALA C 154 -0.63 -3.99 -1.43
N ILE C 155 0.62 -3.70 -1.02
CA ILE C 155 1.75 -3.91 -1.91
C ILE C 155 1.83 -5.36 -2.36
N LEU C 156 1.45 -6.29 -1.50
CA LEU C 156 1.56 -7.71 -1.81
C LEU C 156 0.38 -8.20 -2.65
N VAL C 157 -0.83 -7.72 -2.38
CA VAL C 157 -1.97 -8.11 -3.19
C VAL C 157 -1.79 -7.64 -4.63
N TYR C 158 -1.28 -6.42 -4.82
CA TYR C 158 -1.11 -5.87 -6.16
C TYR C 158 0.22 -6.24 -6.78
N GLU C 159 1.14 -6.84 -6.01
CA GLU C 159 2.28 -7.51 -6.62
C GLU C 159 1.88 -8.89 -7.15
N ALA C 160 1.16 -9.66 -6.32
CA ALA C 160 0.65 -10.94 -6.78
C ALA C 160 -0.35 -10.76 -7.92
N LEU C 161 -1.14 -9.69 -7.86
CA LEU C 161 -2.09 -9.43 -8.94
C LEU C 161 -1.38 -9.05 -10.22
N ARG C 162 -0.23 -8.37 -10.12
CA ARG C 162 0.60 -8.15 -11.30
C ARG C 162 1.04 -9.48 -11.90
N GLN C 163 1.47 -10.41 -11.05
CA GLN C 163 1.94 -11.71 -11.54
C GLN C 163 0.80 -12.53 -12.13
N GLN C 164 -0.41 -12.42 -11.58
CA GLN C 164 -1.58 -13.06 -12.14
C GLN C 164 -2.27 -12.19 -13.19
N ASN C 165 -1.64 -11.09 -13.59
CA ASN C 165 -2.14 -10.22 -14.66
C ASN C 165 -3.55 -9.71 -14.37
N TYR C 166 -3.82 -9.46 -13.08
CA TYR C 166 -5.09 -8.85 -12.64
C TYR C 166 -6.30 -9.59 -13.23
N ARG C 167 -6.29 -10.91 -13.13
CA ARG C 167 -7.28 -11.70 -13.85
C ARG C 167 -8.69 -11.42 -13.33
N ASP C 168 -9.58 -11.11 -14.29
CA ASP C 168 -10.98 -10.77 -14.06
C ASP C 168 -11.11 -9.35 -13.52
N LEU C 169 -10.02 -8.78 -13.03
CA LEU C 169 -10.01 -7.41 -12.55
C LEU C 169 -9.66 -6.47 -13.70
N LYS C 170 -10.51 -5.46 -13.91
CA LYS C 170 -10.30 -4.50 -14.98
C LYS C 170 -9.83 -3.15 -14.43
N SFG D . -13.21 10.06 -7.66
CA SFG D . -11.94 9.83 -6.91
C SFG D . -10.86 9.38 -7.90
O SFG D . -10.42 8.23 -7.78
OXT SFG D . -10.51 10.21 -8.77
CB SFG D . -12.16 8.81 -5.78
CG SFG D . -11.24 8.96 -4.58
CD SFG D . -9.80 8.49 -4.75
NE SFG D . -9.43 7.63 -3.58
C5' SFG D . -8.83 9.65 -4.81
C4' SFG D . -7.43 9.36 -5.32
O4' SFG D . -6.84 8.15 -4.80
C3' SFG D . -7.29 9.23 -6.84
O3' SFG D . -7.34 10.49 -7.50
C2' SFG D . -5.92 8.55 -6.92
O2' SFG D . -4.88 9.45 -6.59
C1' SFG D . -6.10 7.51 -5.82
N9 SFG D . -6.82 6.32 -6.25
C8 SFG D . -7.91 5.75 -5.62
N7 SFG D . -8.36 4.69 -6.23
C5 SFG D . -7.53 4.53 -7.33
C6 SFG D . -7.51 3.58 -8.37
N6 SFG D . -8.36 2.56 -8.46
N1 SFG D . -6.55 3.72 -9.31
C2 SFG D . -5.69 4.74 -9.21
N3 SFG D . -5.62 5.70 -8.28
C4 SFG D . -6.59 5.54 -7.35
#